data_4GM7
#
_entry.id   4GM7
#
_cell.length_a   54.050
_cell.length_b   80.230
_cell.length_c   76.040
_cell.angle_alpha   90.00
_cell.angle_beta   103.30
_cell.angle_gamma   90.00
#
_symmetry.space_group_name_H-M   'P 1 21 1'
#
loop_
_entity.id
_entity.type
_entity.pdbx_description
1 polymer Lactoperoxidase
2 branched 2-acetamido-2-deoxy-beta-D-glucopyranose-(1-4)-2-acetamido-2-deoxy-beta-D-glucopyranose
3 non-polymer 'PROTOPORPHYRIN IX CONTAINING FE'
4 non-polymer 2-acetamido-2-deoxy-beta-D-glucopyranose
5 non-polymer 'IODIDE ION'
6 non-polymer 'CALCIUM ION'
7 non-polymer 'THIOCYANATE ION'
8 non-polymer DI(HYDROXYETHYL)ETHER
9 non-polymer GLYCEROL
10 non-polymer 1,2-ETHANEDIOL
11 non-polymer 'HYDROCINNAMIC ACID'
12 water water
#
_entity_poly.entity_id   1
_entity_poly.type   'polypeptide(L)'
_entity_poly.pdbx_seq_one_letter_code
;SWEVGCGAPVPLVKCDENSPYRTITGDCNNRRSPALGAANRALARWLPAEYEDGLALPFGWTQRKTRNGFRVPLAREVSN
KIVGYLDEEGVLDQNRSLLFMQWGQIVDHDLDFAPETELGSNEHSKTQCEEYCIQGDNCFPIMFPKNDPKLKTQGKCMPF
FRAGFVCPTPPYQSLAREQINAVTSFLDASLVYGSEP(SEP)LASRLRNLSSPLGLMAVNQEAWDHGLAYLPFNNKKPSP
CEFINTTARVPCFLAGDFRASEQILLATAHTLLLREHNRLARELKKLNPHWNGEKLYQEARKILGAFIQIITFRDYLPIV
LGSEMQKWIPPYQGYNNSVDPRISNVFTFAFRFGHMEVPSTVSRLDENYQPWGPEAELPLHTLFFNTWRIIKDGGIDPLV
RGLLAKKSKLMNQDKMVTSELRNKLFQPTHKIHGFDLAAINLQRCRDHGMPGYNSWRGFCGLSQPKTLKGLQTVLKNKIL
AKKLMDLYKTPDNIDIWIGGNAEPMVERGRVGPLLACLLGRQFQQIRDGDRFWWENPGVFTEKQRDSLQKVSFSRLICDN
THITKVPLHAFQANNYPHDFVDCSTVDKLDLSPWASREN
;
_entity_poly.pdbx_strand_id   A
#
# COMPACT_ATOMS: atom_id res chain seq x y z
N SER A 1 17.67 22.59 -21.54
CA SER A 1 16.19 22.51 -21.74
C SER A 1 15.44 22.71 -20.42
N TRP A 2 15.42 21.67 -19.58
CA TRP A 2 14.75 21.73 -18.29
C TRP A 2 15.63 22.38 -17.22
N GLU A 3 15.00 23.04 -16.23
CA GLU A 3 15.72 23.71 -15.15
C GLU A 3 16.46 22.76 -14.21
N VAL A 4 17.37 23.32 -13.41
CA VAL A 4 18.17 22.50 -12.52
C VAL A 4 17.17 21.81 -11.60
N GLY A 5 16.13 22.54 -11.23
CA GLY A 5 15.02 21.97 -10.51
C GLY A 5 14.32 22.96 -9.61
N CYS A 6 13.30 22.48 -8.92
CA CYS A 6 12.57 23.25 -7.90
C CYS A 6 12.65 22.51 -6.57
N GLY A 7 12.66 23.26 -5.47
CA GLY A 7 12.71 22.66 -4.15
C GLY A 7 12.63 23.61 -2.98
N ALA A 8 11.57 24.42 -2.95
CA ALA A 8 11.32 25.34 -1.84
C ALA A 8 10.93 24.64 -0.53
N PRO A 9 10.01 23.67 -0.62
CA PRO A 9 9.56 23.00 0.59
C PRO A 9 10.40 21.78 0.92
N VAL A 10 11.70 21.99 1.09
CA VAL A 10 12.54 20.96 1.66
C VAL A 10 13.69 21.60 2.38
N PRO A 11 14.13 20.99 3.48
CA PRO A 11 15.34 21.47 4.14
C PRO A 11 16.59 21.10 3.35
N LEU A 12 17.75 21.39 3.92
CA LEU A 12 19.01 21.07 3.26
C LEU A 12 19.32 19.60 3.52
N VAL A 13 20.25 19.04 2.76
CA VAL A 13 20.61 17.64 2.93
C VAL A 13 22.03 17.49 3.51
N LYS A 14 22.15 17.48 4.83
CA LYS A 14 23.46 17.31 5.45
C LYS A 14 23.66 15.83 5.71
N CYS A 15 24.58 15.21 4.98
CA CYS A 15 24.80 13.78 5.11
C CYS A 15 26.01 13.28 5.88
N ASP A 16 25.79 12.37 6.82
CA ASP A 16 26.93 11.78 7.51
C ASP A 16 27.48 10.63 6.69
N GLU A 17 28.72 10.75 6.25
CA GLU A 17 29.30 9.76 5.35
C GLU A 17 29.48 8.39 5.98
N ASN A 18 30.01 8.39 7.19
CA ASN A 18 30.34 7.18 7.95
C ASN A 18 29.18 6.28 8.37
N SER A 19 28.02 6.89 8.59
CA SER A 19 26.92 6.20 9.25
C SER A 19 26.48 4.96 8.51
N PRO A 20 26.38 3.87 9.26
CA PRO A 20 25.91 2.57 8.79
C PRO A 20 24.45 2.55 8.40
N TYR A 21 23.62 3.14 9.24
CA TYR A 21 22.17 3.05 9.14
C TYR A 21 21.52 3.99 8.14
N ARG A 22 20.34 3.61 7.68
CA ARG A 22 19.51 4.45 6.83
C ARG A 22 18.92 5.59 7.64
N THR A 23 18.64 6.71 7.00
CA THR A 23 17.86 7.77 7.64
C THR A 23 16.36 7.46 7.63
N ILE A 24 15.65 8.06 8.58
CA ILE A 24 14.21 7.92 8.62
C ILE A 24 13.58 8.60 7.39
N THR A 25 14.13 9.73 6.97
CA THR A 25 13.59 10.45 5.82
C THR A 25 14.01 9.91 4.46
N GLY A 26 14.89 8.92 4.46
CA GLY A 26 15.35 8.35 3.21
C GLY A 26 16.55 9.05 2.63
N ASP A 27 16.69 10.34 2.94
CA ASP A 27 17.81 11.14 2.47
C ASP A 27 19.15 10.42 2.68
N CYS A 28 20.16 10.85 1.93
CA CYS A 28 21.53 10.31 2.02
C CYS A 28 21.75 8.85 1.65
N ASN A 29 20.83 8.27 0.88
CA ASN A 29 20.97 6.88 0.47
C ASN A 29 21.87 6.90 -0.73
N ASN A 30 21.56 7.79 -1.68
CA ASN A 30 22.35 7.93 -2.89
C ASN A 30 23.27 9.12 -2.69
N ARG A 31 24.58 8.87 -2.80
CA ARG A 31 25.56 9.92 -2.60
C ARG A 31 25.70 11.04 -3.62
N ARG A 32 25.53 10.75 -4.91
CA ARG A 32 25.65 11.79 -5.92
C ARG A 32 24.44 12.74 -5.90
N SER A 33 23.25 12.19 -5.63
CA SER A 33 21.99 12.96 -5.51
C SER A 33 21.32 12.37 -4.27
N PRO A 34 21.61 12.94 -3.11
CA PRO A 34 21.15 12.44 -1.82
C PRO A 34 19.64 12.47 -1.61
N ALA A 35 18.92 13.32 -2.34
CA ALA A 35 17.48 13.49 -2.13
C ALA A 35 16.69 12.48 -2.95
N LEU A 36 17.39 11.60 -3.68
CA LEU A 36 16.73 10.57 -4.46
C LEU A 36 16.22 9.48 -3.54
N GLY A 37 14.91 9.24 -3.59
CA GLY A 37 14.29 8.21 -2.77
C GLY A 37 13.93 8.70 -1.38
N ALA A 38 13.61 9.98 -1.28
CA ALA A 38 13.28 10.53 0.03
C ALA A 38 11.87 11.05 0.14
N ALA A 39 11.31 10.90 1.34
CA ALA A 39 9.98 11.36 1.63
C ALA A 39 9.83 12.87 1.36
N ASN A 40 8.61 13.29 1.11
CA ASN A 40 8.29 14.70 0.86
C ASN A 40 8.84 15.32 -0.42
N ARG A 41 9.31 14.48 -1.34
CA ARG A 41 9.80 14.98 -2.62
C ARG A 41 8.83 14.49 -3.68
N ALA A 42 8.84 15.10 -4.85
CA ALA A 42 7.89 14.72 -5.88
C ALA A 42 8.08 13.33 -6.43
N LEU A 43 6.97 12.64 -6.69
CA LEU A 43 6.98 11.31 -7.27
C LEU A 43 7.70 11.46 -8.62
N ALA A 44 8.36 10.39 -9.09
CA ALA A 44 9.07 10.46 -10.36
C ALA A 44 8.10 10.33 -11.52
N ARG A 45 8.44 10.94 -12.65
CA ARG A 45 7.58 10.88 -13.84
C ARG A 45 8.27 10.07 -14.91
N TRP A 46 7.84 8.84 -15.12
CA TRP A 46 8.43 8.00 -16.16
C TRP A 46 8.00 8.50 -17.53
N LEU A 47 6.95 9.31 -17.57
CA LEU A 47 6.43 9.89 -18.81
C LEU A 47 5.80 11.25 -18.49
N PRO A 48 5.99 12.24 -19.38
CA PRO A 48 5.43 13.58 -19.16
C PRO A 48 4.01 13.51 -18.64
N ALA A 49 3.71 14.32 -17.63
CA ALA A 49 2.36 14.35 -17.09
C ALA A 49 1.41 14.84 -18.16
N GLU A 50 0.22 14.25 -18.20
CA GLU A 50 -0.81 14.64 -19.13
C GLU A 50 -1.93 15.33 -18.37
N TYR A 51 -2.14 16.61 -18.66
CA TYR A 51 -3.17 17.40 -17.99
C TYR A 51 -3.99 18.16 -18.99
N GLU A 52 -5.25 18.39 -18.65
CA GLU A 52 -6.18 19.11 -19.50
C GLU A 52 -5.52 20.31 -20.17
N ASP A 53 -4.96 21.18 -19.34
CA ASP A 53 -4.29 22.38 -19.82
C ASP A 53 -2.77 22.21 -19.78
N GLY A 54 -2.31 20.96 -19.74
CA GLY A 54 -0.87 20.71 -19.70
C GLY A 54 -0.12 21.48 -18.62
N LEU A 55 -0.73 21.63 -17.45
CA LEU A 55 -0.11 22.31 -16.33
C LEU A 55 -0.50 21.65 -15.02
N ALA A 56 -1.76 21.81 -14.64
CA ALA A 56 -2.26 21.23 -13.41
C ALA A 56 -3.67 20.64 -13.52
N LEU A 57 -4.60 21.35 -14.16
CA LEU A 57 -5.98 20.85 -14.27
C LEU A 57 -6.06 19.44 -14.81
N PRO A 58 -6.94 18.62 -14.23
CA PRO A 58 -7.14 17.23 -14.65
C PRO A 58 -8.22 17.10 -15.71
N PHE A 59 -8.09 16.08 -16.53
CA PHE A 59 -9.08 15.85 -17.58
C PHE A 59 -10.45 15.58 -16.96
N GLY A 60 -11.49 16.18 -17.51
CA GLY A 60 -12.83 15.99 -16.97
C GLY A 60 -13.24 17.14 -16.09
N TRP A 61 -12.37 18.15 -16.02
CA TRP A 61 -12.60 19.31 -15.18
C TRP A 61 -13.48 20.34 -15.90
N THR A 62 -13.35 20.41 -17.23
CA THR A 62 -14.12 21.35 -18.03
C THR A 62 -15.02 20.56 -18.96
N GLN A 63 -16.33 20.74 -18.83
CA GLN A 63 -17.29 20.05 -19.69
C GLN A 63 -16.81 20.13 -21.14
N ARG A 64 -16.56 21.36 -21.57
CA ARG A 64 -16.09 21.71 -22.91
C ARG A 64 -14.80 21.05 -23.42
N LYS A 65 -13.85 20.79 -22.53
CA LYS A 65 -12.57 20.19 -22.90
C LYS A 65 -12.59 18.66 -23.00
N THR A 66 -12.19 18.14 -24.14
CA THR A 66 -12.17 16.70 -24.38
C THR A 66 -10.75 16.15 -24.37
N ARG A 67 -10.62 14.82 -24.36
CA ARG A 67 -9.32 14.15 -24.41
C ARG A 67 -9.28 13.29 -25.66
N ASN A 68 -8.48 13.72 -26.64
CA ASN A 68 -8.35 13.00 -27.89
C ASN A 68 -9.61 13.03 -28.77
N GLY A 69 -10.41 14.07 -28.61
CA GLY A 69 -11.61 14.21 -29.40
C GLY A 69 -12.86 13.84 -28.64
N PHE A 70 -12.69 13.10 -27.55
CA PHE A 70 -13.85 12.67 -26.77
C PHE A 70 -13.84 13.16 -25.33
N ARG A 71 -15.00 13.09 -24.71
CA ARG A 71 -15.18 13.47 -23.31
C ARG A 71 -14.86 12.25 -22.48
N VAL A 72 -14.19 12.45 -21.36
CA VAL A 72 -13.88 11.32 -20.50
C VAL A 72 -15.13 11.04 -19.68
N PRO A 73 -15.43 9.75 -19.46
CA PRO A 73 -16.61 9.33 -18.69
C PRO A 73 -16.43 9.61 -17.22
N LEU A 74 -17.55 9.82 -16.52
CA LEU A 74 -17.49 10.07 -15.09
C LEU A 74 -16.92 8.81 -14.42
N ALA A 75 -16.08 9.03 -13.43
CA ALA A 75 -15.44 7.94 -12.71
C ALA A 75 -16.40 6.94 -12.08
N ARG A 76 -17.56 7.42 -11.64
CA ARG A 76 -18.54 6.55 -11.00
C ARG A 76 -19.33 5.72 -12.03
N GLU A 77 -19.53 6.28 -13.23
CA GLU A 77 -20.23 5.56 -14.29
C GLU A 77 -19.38 4.37 -14.73
N VAL A 78 -18.08 4.60 -14.87
CA VAL A 78 -17.15 3.54 -15.26
C VAL A 78 -17.24 2.48 -14.19
N SER A 79 -17.23 2.95 -12.95
CA SER A 79 -17.28 2.09 -11.78
C SER A 79 -18.51 1.20 -11.82
N ASN A 80 -19.68 1.82 -12.01
CA ASN A 80 -20.95 1.10 -12.06
C ASN A 80 -21.10 0.15 -13.23
N LYS A 81 -20.72 0.58 -14.44
CA LYS A 81 -20.88 -0.25 -15.63
C LYS A 81 -19.86 -1.38 -15.79
N ILE A 82 -18.66 -1.19 -15.26
CA ILE A 82 -17.58 -2.16 -15.44
C ILE A 82 -17.02 -2.83 -14.19
N VAL A 83 -16.79 -2.04 -13.14
CA VAL A 83 -16.16 -2.54 -11.93
C VAL A 83 -17.03 -3.28 -10.93
N GLY A 84 -18.34 -3.02 -10.94
CA GLY A 84 -19.21 -3.67 -9.96
C GLY A 84 -19.72 -5.06 -10.25
N TYR A 85 -20.25 -5.71 -9.22
CA TYR A 85 -20.83 -7.05 -9.31
C TYR A 85 -21.52 -7.42 -7.98
N LEU A 86 -22.64 -8.16 -8.08
CA LEU A 86 -23.46 -8.58 -6.96
C LEU A 86 -23.15 -9.93 -6.30
N ASP A 87 -22.82 -10.92 -7.12
CA ASP A 87 -22.59 -12.29 -6.67
C ASP A 87 -21.23 -12.65 -6.08
N GLU A 88 -21.10 -12.61 -4.76
CA GLU A 88 -19.83 -12.96 -4.11
C GLU A 88 -19.56 -14.47 -4.13
N GLU A 89 -20.30 -15.22 -4.94
CA GLU A 89 -20.12 -16.65 -4.98
C GLU A 89 -19.08 -17.02 -6.03
N GLY A 90 -18.27 -18.02 -5.72
CA GLY A 90 -17.24 -18.47 -6.64
C GLY A 90 -16.25 -17.40 -7.09
N VAL A 91 -15.71 -16.61 -6.15
CA VAL A 91 -14.75 -15.57 -6.50
C VAL A 91 -13.44 -15.71 -5.74
N LEU A 92 -13.40 -16.60 -4.76
CA LEU A 92 -12.16 -16.75 -4.00
C LEU A 92 -11.08 -17.37 -4.88
N ASP A 93 -9.86 -16.87 -4.66
CA ASP A 93 -8.67 -17.33 -5.36
C ASP A 93 -8.28 -18.66 -4.72
N GLN A 94 -8.37 -19.75 -5.46
CA GLN A 94 -8.05 -21.06 -4.93
C GLN A 94 -6.62 -21.23 -4.45
N ASN A 95 -5.66 -20.62 -5.13
CA ASN A 95 -4.26 -20.72 -4.74
C ASN A 95 -3.58 -19.52 -4.06
N ARG A 96 -4.35 -18.57 -3.55
CA ARG A 96 -3.76 -17.49 -2.75
C ARG A 96 -4.43 -17.30 -1.38
N SER A 97 -3.67 -17.30 -0.29
CA SER A 97 -4.26 -17.07 1.02
C SER A 97 -4.61 -15.59 1.12
N LEU A 98 -5.43 -15.21 2.11
CA LEU A 98 -5.81 -13.81 2.26
C LEU A 98 -4.61 -12.96 2.70
N LEU A 99 -3.53 -13.62 3.12
CA LEU A 99 -2.31 -12.93 3.52
C LEU A 99 -1.66 -12.30 2.31
N PHE A 100 -1.92 -12.90 1.15
CA PHE A 100 -1.40 -12.42 -0.14
C PHE A 100 -1.91 -10.97 -0.31
N MET A 101 -3.22 -10.80 -0.20
CA MET A 101 -3.78 -9.46 -0.31
C MET A 101 -3.14 -8.57 0.75
N GLN A 102 -3.08 -9.05 1.99
CA GLN A 102 -2.52 -8.22 3.04
C GLN A 102 -1.08 -7.78 2.87
N TRP A 103 -0.22 -8.70 2.46
CA TRP A 103 1.19 -8.37 2.28
C TRP A 103 1.29 -7.33 1.19
N GLY A 104 0.36 -7.39 0.24
CA GLY A 104 0.37 -6.41 -0.82
C GLY A 104 0.24 -5.00 -0.26
N GLN A 105 -0.86 -4.73 0.45
CA GLN A 105 -1.12 -3.41 1.02
C GLN A 105 -0.02 -2.90 1.96
N ILE A 106 0.70 -3.82 2.60
CA ILE A 106 1.78 -3.44 3.49
C ILE A 106 2.92 -2.84 2.65
N VAL A 107 3.34 -3.58 1.63
CA VAL A 107 4.41 -3.15 0.77
C VAL A 107 4.05 -1.85 0.06
N ASP A 108 2.82 -1.72 -0.41
CA ASP A 108 2.43 -0.51 -1.12
C ASP A 108 2.56 0.69 -0.20
N HIS A 109 2.11 0.52 1.04
CA HIS A 109 2.18 1.56 2.05
C HIS A 109 3.60 1.93 2.41
N ASP A 110 4.48 0.96 2.40
CA ASP A 110 5.87 1.18 2.76
C ASP A 110 6.45 2.05 1.66
N LEU A 111 6.13 1.71 0.42
CA LEU A 111 6.59 2.43 -0.76
C LEU A 111 6.08 3.84 -1.09
N ASP A 112 4.77 4.06 -1.01
CA ASP A 112 4.24 5.34 -1.48
C ASP A 112 3.02 5.86 -0.73
N PHE A 113 2.90 7.17 -0.68
CA PHE A 113 1.70 7.84 -0.20
C PHE A 113 1.62 9.21 -0.86
N ALA A 114 0.47 9.57 -1.41
CA ALA A 114 0.27 10.92 -1.89
C ALA A 114 -0.96 11.52 -1.22
N PRO A 115 -0.80 12.03 0.00
CA PRO A 115 -1.92 12.63 0.72
C PRO A 115 -2.44 13.92 0.10
N GLU A 116 -3.74 14.15 0.23
CA GLU A 116 -4.41 15.34 -0.29
C GLU A 116 -3.91 16.62 0.38
N THR A 117 -4.22 17.77 -0.22
CA THR A 117 -3.80 19.07 0.30
C THR A 117 -4.59 19.52 1.52
N GLU A 118 -3.91 20.08 2.51
CA GLU A 118 -4.62 20.48 3.71
C GLU A 118 -5.08 21.93 3.65
N LEU A 119 -6.39 22.08 3.50
CA LEU A 119 -7.08 23.34 3.62
C LEU A 119 -8.18 23.18 4.65
N GLY A 120 -8.41 21.92 5.02
CA GLY A 120 -9.55 21.53 5.84
C GLY A 120 -9.71 22.05 7.26
N SER A 121 -8.62 22.08 8.03
CA SER A 121 -8.72 22.43 9.44
C SER A 121 -8.79 23.94 9.72
N ASN A 122 -9.84 24.31 10.45
CA ASN A 122 -10.16 25.70 10.82
C ASN A 122 -10.80 26.37 9.61
N GLU A 123 -11.15 25.56 8.62
CA GLU A 123 -11.77 26.04 7.39
C GLU A 123 -12.99 25.20 7.02
N HIS A 124 -14.04 25.88 6.56
CA HIS A 124 -15.29 25.24 6.14
C HIS A 124 -15.11 24.52 4.80
N SER A 125 -14.04 24.89 4.09
CA SER A 125 -13.74 24.33 2.78
C SER A 125 -14.07 22.86 2.57
N LYS A 126 -13.60 21.99 3.48
CA LYS A 126 -13.85 20.56 3.36
C LYS A 126 -15.33 20.17 3.36
N THR A 127 -16.16 20.95 4.04
CA THR A 127 -17.58 20.66 4.10
C THR A 127 -18.32 21.42 3.01
N GLN A 128 -17.64 22.37 2.39
CA GLN A 128 -18.21 23.14 1.28
C GLN A 128 -18.26 22.23 0.06
N CYS A 129 -17.24 21.40 -0.07
CA CYS A 129 -17.13 20.44 -1.18
C CYS A 129 -18.22 19.38 -1.02
N GLU A 130 -18.25 18.78 0.17
CA GLU A 130 -19.24 17.76 0.48
C GLU A 130 -20.66 18.29 0.30
N GLU A 131 -21.00 19.32 1.07
CA GLU A 131 -22.34 19.89 1.05
C GLU A 131 -22.94 20.35 -0.27
N TYR A 132 -22.25 21.19 -1.03
CA TYR A 132 -22.86 21.67 -2.27
C TYR A 132 -22.21 21.18 -3.57
N CYS A 133 -21.24 20.27 -3.44
CA CYS A 133 -20.51 19.66 -4.56
C CYS A 133 -20.00 20.67 -5.60
N ILE A 134 -19.43 21.77 -5.12
CA ILE A 134 -18.89 22.79 -6.00
C ILE A 134 -17.43 22.47 -6.25
N GLN A 135 -17.11 22.18 -7.51
CA GLN A 135 -15.74 21.91 -7.91
C GLN A 135 -15.00 23.26 -7.87
N GLY A 136 -13.90 23.32 -7.14
CA GLY A 136 -13.08 24.50 -7.19
C GLY A 136 -11.72 24.21 -6.61
N ASP A 137 -10.68 24.75 -7.21
CA ASP A 137 -9.38 24.60 -6.60
C ASP A 137 -9.10 23.13 -6.36
N ASN A 138 -8.78 22.79 -5.12
CA ASN A 138 -8.61 21.41 -4.71
C ASN A 138 -9.83 20.49 -4.72
N CYS A 139 -11.00 21.03 -4.41
CA CYS A 139 -12.23 20.26 -4.35
C CYS A 139 -12.58 19.86 -5.78
N PHE A 140 -12.57 18.55 -6.02
CA PHE A 140 -12.83 17.98 -7.35
C PHE A 140 -13.83 16.83 -7.12
N PRO A 141 -15.08 17.21 -6.83
CA PRO A 141 -16.11 16.25 -6.43
C PRO A 141 -16.45 15.25 -7.52
N ILE A 142 -16.73 14.01 -7.10
CA ILE A 142 -17.00 12.91 -8.02
C ILE A 142 -18.49 12.89 -8.16
N MET A 143 -18.97 13.35 -9.31
CA MET A 143 -20.38 13.43 -9.55
C MET A 143 -21.02 12.07 -9.82
N PHE A 144 -22.32 11.98 -9.57
CA PHE A 144 -23.05 10.76 -9.80
C PHE A 144 -23.63 10.79 -11.20
N PRO A 145 -23.60 9.66 -11.87
CA PRO A 145 -24.23 9.54 -13.19
C PRO A 145 -25.73 9.55 -13.00
N LYS A 146 -26.47 9.66 -14.09
CA LYS A 146 -27.91 9.85 -14.02
C LYS A 146 -28.62 8.70 -13.35
N ASN A 147 -28.21 7.48 -13.66
CA ASN A 147 -28.94 6.32 -13.22
C ASN A 147 -28.49 5.75 -11.90
N ASP A 148 -27.53 6.41 -11.27
CA ASP A 148 -26.96 5.93 -10.04
C ASP A 148 -27.97 5.88 -8.91
N PRO A 149 -27.90 4.80 -8.14
CA PRO A 149 -28.74 4.64 -6.95
C PRO A 149 -28.39 5.66 -5.88
N LYS A 150 -27.08 5.85 -5.68
CA LYS A 150 -26.60 6.81 -4.68
C LYS A 150 -27.15 8.23 -4.85
N LEU A 151 -27.64 8.56 -6.02
CA LEU A 151 -28.22 9.88 -6.25
C LEU A 151 -29.36 10.05 -5.26
N LYS A 152 -30.20 9.01 -5.20
CA LYS A 152 -31.38 9.00 -4.35
C LYS A 152 -31.16 9.05 -2.83
N THR A 153 -30.17 8.32 -2.32
CA THR A 153 -29.92 8.28 -0.88
C THR A 153 -28.80 9.16 -0.32
N GLN A 154 -27.88 9.57 -1.19
CA GLN A 154 -26.70 10.34 -0.73
C GLN A 154 -26.52 11.78 -1.14
N GLY A 155 -26.92 12.14 -2.34
CA GLY A 155 -26.70 13.48 -2.81
C GLY A 155 -26.30 13.52 -4.26
N LYS A 156 -25.71 14.64 -4.68
CA LYS A 156 -25.27 14.81 -6.06
C LYS A 156 -23.81 14.44 -6.30
N CYS A 157 -23.10 14.03 -5.24
CA CYS A 157 -21.67 13.78 -5.39
C CYS A 157 -21.01 13.03 -4.23
N MET A 158 -19.77 12.66 -4.47
CA MET A 158 -18.90 12.07 -3.47
C MET A 158 -17.78 13.10 -3.35
N PRO A 159 -17.53 13.61 -2.15
CA PRO A 159 -16.45 14.59 -2.04
C PRO A 159 -15.12 13.97 -2.45
N PHE A 160 -14.22 14.78 -2.97
CA PHE A 160 -12.90 14.34 -3.41
C PHE A 160 -12.00 15.56 -3.41
N PHE A 161 -10.75 15.39 -3.05
CA PHE A 161 -9.82 16.51 -3.02
C PHE A 161 -8.54 16.17 -3.75
N ARG A 162 -8.07 17.11 -4.55
CA ARG A 162 -6.86 16.89 -5.30
C ARG A 162 -5.65 16.69 -4.38
N ALA A 163 -4.81 15.73 -4.73
CA ALA A 163 -3.61 15.42 -3.97
C ALA A 163 -2.66 16.61 -3.89
N GLY A 164 -1.85 16.65 -2.84
CA GLY A 164 -0.91 17.74 -2.66
C GLY A 164 0.21 17.68 -3.68
N PHE A 165 0.74 18.85 -4.03
CA PHE A 165 1.81 18.96 -5.01
C PHE A 165 3.04 19.74 -4.51
N VAL A 166 4.21 19.45 -5.04
CA VAL A 166 5.46 20.15 -4.66
C VAL A 166 5.56 21.61 -5.11
N CYS A 167 6.42 22.36 -4.42
CA CYS A 167 6.55 23.84 -4.51
C CYS A 167 5.18 24.51 -4.27
N PRO A 168 4.47 24.05 -3.21
CA PRO A 168 3.02 24.15 -3.06
C PRO A 168 2.60 25.59 -2.83
N THR A 169 1.34 25.87 -2.48
CA THR A 169 0.20 24.96 -2.50
C THR A 169 -0.91 25.61 -3.34
N PRO A 170 -0.90 26.96 -3.47
CA PRO A 170 -1.65 27.55 -4.58
C PRO A 170 -0.95 27.26 -5.92
N PRO A 171 -1.74 27.04 -7.00
CA PRO A 171 -1.17 26.70 -8.31
C PRO A 171 -0.03 27.63 -8.74
N TYR A 172 1.00 27.03 -9.34
CA TYR A 172 2.08 27.76 -9.98
C TYR A 172 1.98 27.49 -11.50
N GLN A 173 2.74 28.23 -12.31
CA GLN A 173 2.47 28.31 -13.76
C GLN A 173 3.46 27.67 -14.77
N SER A 174 4.69 27.34 -14.31
CA SER A 174 5.78 26.96 -15.25
C SER A 174 5.86 25.50 -15.73
N LEU A 175 6.12 24.56 -14.81
CA LEU A 175 6.19 23.12 -15.12
C LEU A 175 4.85 22.47 -14.76
N ALA A 176 4.62 21.25 -15.26
CA ALA A 176 3.42 20.52 -14.89
C ALA A 176 3.41 20.16 -13.41
N ARG A 177 2.19 20.05 -12.86
CA ARG A 177 1.99 19.75 -11.44
C ARG A 177 2.55 18.38 -11.07
N GLU A 178 3.32 18.34 -9.98
CA GLU A 178 3.92 17.09 -9.52
C GLU A 178 3.53 16.75 -8.07
N GLN A 179 2.74 15.69 -7.92
CA GLN A 179 2.29 15.26 -6.60
C GLN A 179 3.44 14.71 -5.73
N ILE A 180 3.25 14.77 -4.41
CA ILE A 180 4.27 14.33 -3.44
C ILE A 180 4.12 12.89 -2.97
N ASN A 181 5.26 12.24 -2.76
CA ASN A 181 5.31 10.91 -2.18
C ASN A 181 5.78 11.21 -0.75
N ALA A 182 4.86 11.13 0.21
CA ALA A 182 5.18 11.45 1.60
C ALA A 182 5.88 10.36 2.41
N VAL A 183 6.38 9.32 1.75
CA VAL A 183 7.12 8.28 2.45
C VAL A 183 8.34 7.96 1.61
N THR A 184 9.27 7.18 2.16
CA THR A 184 10.50 6.87 1.47
C THR A 184 10.36 5.78 0.42
N SER A 185 10.80 6.05 -0.80
CA SER A 185 10.74 5.05 -1.87
C SER A 185 11.37 3.69 -1.55
N PHE A 186 12.17 3.60 -0.49
CA PHE A 186 12.86 2.34 -0.15
C PHE A 186 12.11 1.32 0.71
N LEU A 187 12.13 0.05 0.30
CA LEU A 187 11.50 -1.00 1.11
C LEU A 187 12.38 -1.01 2.34
N ASP A 188 11.98 -0.22 3.34
CA ASP A 188 12.80 -0.01 4.52
C ASP A 188 12.03 -0.01 5.83
N ALA A 189 10.76 -0.40 5.76
CA ALA A 189 9.89 -0.44 6.93
C ALA A 189 9.39 0.95 7.35
N SER A 190 9.52 1.94 6.46
CA SER A 190 9.06 3.28 6.81
C SER A 190 7.69 3.24 7.46
N LEU A 191 6.88 2.25 7.13
CA LEU A 191 5.53 2.15 7.69
C LEU A 191 5.54 1.71 9.17
N VAL A 192 6.66 1.21 9.65
CA VAL A 192 6.74 0.81 11.04
C VAL A 192 7.40 1.88 11.89
N TYR A 193 8.49 2.47 11.38
CA TYR A 193 9.25 3.48 12.14
C TYR A 193 8.97 4.93 11.82
N GLY A 194 8.36 5.20 10.67
CA GLY A 194 8.05 6.57 10.29
C GLY A 194 8.87 7.05 9.12
N SER A 195 8.51 8.20 8.54
CA SER A 195 9.25 8.80 7.43
C SER A 195 9.67 10.22 7.77
N GLU A 196 9.20 10.68 8.92
CA GLU A 196 9.56 11.97 9.49
C GLU A 196 10.15 11.68 10.86
N PRO A 197 11.24 12.37 11.17
CA PRO A 197 11.94 12.19 12.45
C PRO A 197 11.08 12.59 13.65
N LEU A 199 7.86 12.24 14.09
CA LEU A 199 7.00 11.09 14.31
C LEU A 199 7.81 9.86 14.69
N ALA A 200 8.96 9.68 14.02
CA ALA A 200 9.83 8.55 14.28
C ALA A 200 10.21 8.51 15.74
N SER A 201 10.44 9.68 16.31
CA SER A 201 10.84 9.80 17.71
C SER A 201 9.67 9.52 18.65
N ARG A 202 8.53 10.14 18.37
CA ARG A 202 7.34 9.94 19.20
C ARG A 202 7.07 8.45 19.34
N LEU A 203 6.98 7.77 18.20
CA LEU A 203 6.73 6.32 18.17
C LEU A 203 7.64 5.51 19.05
N ARG A 204 8.83 6.02 19.32
CA ARG A 204 9.81 5.28 20.12
C ARG A 204 9.61 5.39 21.60
N ASN A 205 10.06 4.36 22.33
CA ASN A 205 10.08 4.41 23.78
C ASN A 205 11.44 4.82 24.24
N LEU A 206 11.56 6.10 24.57
CA LEU A 206 12.82 6.65 25.03
C LEU A 206 13.03 6.54 26.54
N SER A 207 11.95 6.26 27.27
CA SER A 207 12.01 6.14 28.72
C SER A 207 13.14 5.21 29.12
N SER A 208 13.05 3.95 28.70
CA SER A 208 14.11 2.99 29.01
C SER A 208 15.16 3.03 27.90
N PRO A 209 16.38 2.57 28.20
CA PRO A 209 17.47 2.59 27.22
C PRO A 209 17.61 1.25 26.49
N LEU A 210 16.48 0.58 26.26
CA LEU A 210 16.52 -0.72 25.61
C LEU A 210 16.19 -0.72 24.11
N GLY A 211 16.02 0.47 23.53
CA GLY A 211 15.75 0.62 22.11
C GLY A 211 14.47 -0.03 21.59
N LEU A 212 13.44 -0.05 22.43
CA LEU A 212 12.17 -0.65 22.03
C LEU A 212 11.26 0.40 21.43
N MET A 213 10.31 -0.05 20.63
CA MET A 213 9.30 0.84 20.04
C MET A 213 8.27 0.97 21.14
N ALA A 214 7.67 2.15 21.30
CA ALA A 214 6.66 2.35 22.35
C ALA A 214 5.39 1.54 22.11
N VAL A 215 4.85 0.97 23.19
CA VAL A 215 3.64 0.15 23.09
C VAL A 215 2.46 0.71 23.87
N ASN A 216 1.31 0.06 23.74
CA ASN A 216 0.07 0.48 24.41
C ASN A 216 0.14 0.15 25.89
N GLN A 217 -0.24 1.11 26.72
CA GLN A 217 -0.22 0.93 28.17
C GLN A 217 -1.62 0.81 28.72
N GLU A 218 -2.62 0.87 27.85
CA GLU A 218 -4.00 0.77 28.28
C GLU A 218 -4.64 -0.59 28.06
N ALA A 219 -4.08 -1.38 27.15
CA ALA A 219 -4.64 -2.69 26.84
C ALA A 219 -3.58 -3.67 26.32
N TRP A 220 -3.76 -4.95 26.64
CA TRP A 220 -2.83 -5.96 26.17
C TRP A 220 -3.49 -7.13 25.45
N ASP A 221 -2.66 -8.04 24.96
CA ASP A 221 -3.12 -9.18 24.18
C ASP A 221 -2.38 -10.41 24.71
N HIS A 222 -2.85 -10.97 25.83
CA HIS A 222 -2.20 -12.13 26.45
C HIS A 222 -0.75 -11.83 26.72
N GLY A 223 -0.49 -10.65 27.27
CA GLY A 223 0.89 -10.27 27.55
C GLY A 223 1.67 -9.93 26.30
N LEU A 224 0.96 -9.64 25.21
CA LEU A 224 1.60 -9.28 23.95
C LEU A 224 1.16 -7.87 23.58
N ALA A 225 2.10 -7.09 23.07
CA ALA A 225 1.88 -5.67 22.72
C ALA A 225 0.84 -5.29 21.68
N TYR A 226 0.40 -4.05 21.81
CA TYR A 226 -0.54 -3.43 20.90
C TYR A 226 0.12 -2.12 20.52
N LEU A 227 -0.21 -1.62 19.34
CA LEU A 227 0.33 -0.34 18.92
C LEU A 227 -0.24 0.71 19.87
N PRO A 228 0.47 1.83 20.06
CA PRO A 228 -0.08 2.88 20.94
C PRO A 228 -1.24 3.53 20.21
N PHE A 229 -2.23 4.05 20.95
CA PHE A 229 -3.32 4.73 20.29
C PHE A 229 -2.79 6.07 19.83
N ASN A 230 -3.51 6.72 18.93
CA ASN A 230 -3.15 8.05 18.48
C ASN A 230 -4.23 8.91 19.10
N ASN A 231 -3.88 9.67 20.13
CA ASN A 231 -4.87 10.50 20.76
C ASN A 231 -5.02 11.84 20.04
N LYS A 232 -5.54 11.77 18.83
CA LYS A 232 -5.87 12.96 18.05
C LYS A 232 -7.33 12.90 17.70
N LYS A 233 -8.02 14.00 17.91
CA LYS A 233 -9.44 14.08 17.66
C LYS A 233 -9.71 15.17 16.64
N PRO A 234 -10.64 14.94 15.72
CA PRO A 234 -11.52 13.77 15.69
C PRO A 234 -10.85 12.50 15.19
N SER A 235 -11.32 11.35 15.69
CA SER A 235 -10.78 10.04 15.33
C SER A 235 -11.88 9.17 14.68
N PRO A 236 -11.59 8.54 13.53
CA PRO A 236 -12.59 7.70 12.84
C PRO A 236 -12.75 6.34 13.49
N CYS A 237 -11.81 5.96 14.34
CA CYS A 237 -11.91 4.67 15.01
C CYS A 237 -12.89 4.86 16.16
N GLU A 238 -13.01 6.10 16.60
CA GLU A 238 -13.95 6.43 17.67
C GLU A 238 -15.33 6.70 17.04
N PHE A 239 -15.32 7.34 15.88
CA PHE A 239 -16.55 7.68 15.16
C PHE A 239 -17.38 6.48 14.68
N ILE A 240 -16.72 5.38 14.33
CA ILE A 240 -17.46 4.22 13.84
C ILE A 240 -18.15 3.48 14.98
N ASN A 241 -17.70 3.71 16.21
CA ASN A 241 -18.39 3.19 17.39
C ASN A 241 -18.22 4.11 18.59
N THR A 242 -19.05 5.14 18.69
CA THR A 242 -18.94 6.10 19.78
C THR A 242 -19.20 5.55 21.17
N THR A 243 -19.62 4.28 21.26
CA THR A 243 -19.90 3.69 22.56
C THR A 243 -18.64 3.01 23.08
N ALA A 244 -17.89 2.39 22.18
CA ALA A 244 -16.68 1.69 22.56
C ALA A 244 -15.49 2.67 22.68
N ARG A 245 -15.55 3.78 21.95
CA ARG A 245 -14.57 4.87 22.09
C ARG A 245 -13.09 4.48 21.98
N VAL A 246 -12.72 3.68 20.99
CA VAL A 246 -11.36 3.16 20.90
C VAL A 246 -10.69 3.90 19.74
N PRO A 247 -9.64 4.67 20.03
CA PRO A 247 -8.96 5.43 18.98
C PRO A 247 -8.18 4.58 18.00
N CYS A 248 -7.76 5.20 16.91
CA CYS A 248 -6.95 4.54 15.90
C CYS A 248 -5.54 4.38 16.46
N PHE A 249 -4.77 3.45 15.90
CA PHE A 249 -3.40 3.24 16.38
C PHE A 249 -2.39 4.20 15.80
N LEU A 250 -1.25 4.32 16.49
CA LEU A 250 -0.15 5.17 16.08
C LEU A 250 0.95 4.26 15.56
N ALA A 251 1.21 4.35 14.26
CA ALA A 251 2.22 3.54 13.62
C ALA A 251 3.15 4.41 12.80
N GLY A 252 4.09 3.79 12.10
CA GLY A 252 5.01 4.55 11.25
C GLY A 252 4.29 5.21 10.08
N ASP A 253 3.26 4.56 9.57
CA ASP A 253 2.48 5.09 8.46
C ASP A 253 1.09 5.52 8.92
N PHE A 254 0.68 6.68 8.44
CA PHE A 254 -0.61 7.27 8.77
C PHE A 254 -1.88 6.39 8.62
N ARG A 255 -1.90 5.54 7.61
CA ARG A 255 -3.07 4.71 7.29
C ARG A 255 -3.21 3.33 7.95
N ALA A 256 -2.50 3.09 9.05
CA ALA A 256 -2.53 1.78 9.69
C ALA A 256 -3.86 1.19 10.18
N SER A 257 -4.84 2.03 10.50
CA SER A 257 -6.08 1.52 11.03
C SER A 257 -7.24 1.41 10.03
N GLU A 258 -6.96 1.64 8.75
CA GLU A 258 -8.00 1.76 7.75
C GLU A 258 -8.87 0.52 7.72
N GLN A 259 -8.24 -0.64 7.77
CA GLN A 259 -8.96 -1.88 7.97
C GLN A 259 -8.26 -2.74 9.02
N ILE A 260 -9.05 -3.42 9.84
CA ILE A 260 -8.55 -4.29 10.89
C ILE A 260 -7.40 -5.29 10.61
N LEU A 261 -7.28 -5.79 9.38
CA LEU A 261 -6.20 -6.74 9.07
C LEU A 261 -4.90 -6.03 8.74
N LEU A 262 -5.00 -4.77 8.33
CA LEU A 262 -3.79 -3.99 8.05
C LEU A 262 -3.30 -3.68 9.44
N ALA A 263 -4.19 -3.08 10.22
CA ALA A 263 -3.90 -2.75 11.62
C ALA A 263 -3.24 -3.96 12.27
N THR A 264 -3.76 -5.14 11.95
CA THR A 264 -3.24 -6.41 12.44
C THR A 264 -1.80 -6.68 12.04
N ALA A 265 -1.51 -6.64 10.74
CA ALA A 265 -0.14 -6.88 10.27
C ALA A 265 0.81 -5.85 10.82
N HIS A 266 0.27 -4.69 11.18
CA HIS A 266 1.08 -3.63 11.74
C HIS A 266 1.45 -4.05 13.15
N THR A 267 0.52 -4.72 13.81
CA THR A 267 0.77 -5.16 15.18
C THR A 267 1.83 -6.25 15.21
N LEU A 268 1.84 -7.11 14.19
CA LEU A 268 2.83 -8.16 14.11
C LEU A 268 4.22 -7.58 13.91
N LEU A 269 4.33 -6.56 13.07
CA LEU A 269 5.61 -5.94 12.79
C LEU A 269 6.23 -5.26 14.01
N LEU A 270 5.48 -4.41 14.69
CA LEU A 270 5.99 -3.75 15.89
C LEU A 270 6.62 -4.78 16.81
N ARG A 271 5.85 -5.82 17.14
CA ARG A 271 6.31 -6.90 18.01
C ARG A 271 7.65 -7.48 17.56
N GLU A 272 7.73 -7.88 16.30
CA GLU A 272 8.98 -8.45 15.80
C GLU A 272 10.15 -7.52 16.03
N HIS A 273 9.88 -6.22 16.17
CA HIS A 273 10.94 -5.26 16.41
C HIS A 273 11.37 -5.36 17.86
N ASN A 274 10.38 -5.29 18.75
CA ASN A 274 10.62 -5.38 20.17
C ASN A 274 11.29 -6.71 20.51
N ARG A 275 10.74 -7.79 19.99
CA ARG A 275 11.30 -9.12 20.22
C ARG A 275 12.76 -9.16 19.81
N LEU A 276 13.11 -8.46 18.74
CA LEU A 276 14.48 -8.42 18.25
C LEU A 276 15.40 -7.57 19.11
N ALA A 277 14.90 -6.45 19.59
CA ALA A 277 15.69 -5.57 20.43
C ALA A 277 16.00 -6.26 21.74
N ARG A 278 15.05 -7.07 22.21
CA ARG A 278 15.24 -7.79 23.46
C ARG A 278 16.29 -8.88 23.25
N GLU A 279 16.21 -9.56 22.11
CA GLU A 279 17.18 -10.60 21.79
C GLU A 279 18.60 -10.05 21.67
N LEU A 280 18.72 -8.89 21.03
CA LEU A 280 20.04 -8.24 20.84
C LEU A 280 20.66 -7.82 22.16
N LYS A 281 19.85 -7.17 23.01
CA LYS A 281 20.33 -6.75 24.31
C LYS A 281 21.03 -7.94 24.95
N LYS A 282 20.29 -9.04 25.11
CA LYS A 282 20.82 -10.27 25.71
C LYS A 282 22.20 -10.70 25.18
N LEU A 283 22.39 -10.68 23.86
CA LEU A 283 23.68 -11.07 23.27
C LEU A 283 24.74 -10.00 23.39
N ASN A 284 24.32 -8.75 23.24
CA ASN A 284 25.23 -7.61 23.33
C ASN A 284 24.67 -6.71 24.44
N PRO A 285 24.82 -7.13 25.71
CA PRO A 285 24.32 -6.36 26.86
C PRO A 285 24.91 -4.97 26.93
N HIS A 286 26.09 -4.80 26.34
CA HIS A 286 26.78 -3.52 26.37
C HIS A 286 26.31 -2.49 25.35
N TRP A 287 25.31 -2.85 24.54
CA TRP A 287 24.79 -1.92 23.54
C TRP A 287 23.87 -0.84 24.12
N ASN A 288 24.05 0.38 23.63
CA ASN A 288 23.27 1.51 24.09
C ASN A 288 21.87 1.48 23.43
N GLY A 289 20.99 2.37 23.89
CA GLY A 289 19.64 2.44 23.36
C GLY A 289 19.52 2.52 21.84
N GLU A 290 20.14 3.55 21.27
CA GLU A 290 20.10 3.78 19.83
C GLU A 290 20.53 2.58 18.99
N LYS A 291 21.62 1.94 19.41
CA LYS A 291 22.16 0.78 18.71
C LYS A 291 21.12 -0.32 18.60
N LEU A 292 20.45 -0.62 19.71
CA LEU A 292 19.42 -1.66 19.74
C LEU A 292 18.27 -1.27 18.83
N TYR A 293 17.89 0.01 18.86
CA TYR A 293 16.83 0.49 17.98
C TYR A 293 17.25 0.33 16.54
N GLN A 294 18.40 0.91 16.20
CA GLN A 294 18.92 0.84 14.83
C GLN A 294 19.16 -0.57 14.29
N GLU A 295 19.92 -1.40 15.02
CA GLU A 295 20.19 -2.77 14.58
C GLU A 295 18.90 -3.55 14.37
N ALA A 296 17.95 -3.42 15.29
CA ALA A 296 16.67 -4.11 15.15
C ALA A 296 15.95 -3.60 13.88
N ARG A 297 15.82 -2.29 13.78
CA ARG A 297 15.18 -1.65 12.64
C ARG A 297 15.80 -2.16 11.34
N LYS A 298 17.12 -2.35 11.37
CA LYS A 298 17.84 -2.84 10.20
C LYS A 298 17.42 -4.27 9.84
N ILE A 299 17.21 -5.10 10.86
CA ILE A 299 16.81 -6.48 10.64
C ILE A 299 15.41 -6.59 10.03
N LEU A 300 14.46 -5.83 10.57
CA LEU A 300 13.09 -5.86 10.07
C LEU A 300 13.00 -5.41 8.62
N GLY A 301 13.90 -4.50 8.23
CA GLY A 301 13.89 -4.02 6.86
C GLY A 301 14.35 -5.14 5.95
N ALA A 302 15.36 -5.88 6.40
CA ALA A 302 15.87 -6.98 5.61
C ALA A 302 14.73 -7.99 5.47
N PHE A 303 14.06 -8.26 6.59
CA PHE A 303 12.95 -9.21 6.62
C PHE A 303 11.88 -8.95 5.56
N ILE A 304 11.53 -7.69 5.38
CA ILE A 304 10.49 -7.31 4.43
C ILE A 304 10.98 -7.44 3.00
N GLN A 305 12.26 -7.18 2.78
CA GLN A 305 12.80 -7.29 1.43
C GLN A 305 12.84 -8.75 1.01
N ILE A 306 13.22 -9.64 1.92
CA ILE A 306 13.26 -11.05 1.58
C ILE A 306 11.86 -11.56 1.31
N ILE A 307 10.95 -11.36 2.26
CA ILE A 307 9.58 -11.82 2.06
C ILE A 307 8.99 -11.30 0.75
N THR A 308 9.01 -9.98 0.58
CA THR A 308 8.46 -9.36 -0.62
C THR A 308 9.09 -9.85 -1.93
N PHE A 309 10.42 -9.90 -1.97
CA PHE A 309 11.09 -10.32 -3.19
C PHE A 309 11.27 -11.81 -3.47
N ARG A 310 11.31 -12.63 -2.43
CA ARG A 310 11.46 -14.06 -2.62
C ARG A 310 10.11 -14.76 -2.67
N ASP A 311 9.26 -14.49 -1.68
CA ASP A 311 7.96 -15.11 -1.58
C ASP A 311 6.79 -14.38 -2.25
N TYR A 312 6.79 -13.05 -2.17
CA TYR A 312 5.68 -12.28 -2.74
C TYR A 312 5.72 -11.99 -4.22
N LEU A 313 6.72 -11.22 -4.66
CA LEU A 313 6.84 -10.84 -6.06
C LEU A 313 6.73 -11.98 -7.08
N PRO A 314 7.36 -13.14 -6.82
CA PRO A 314 7.25 -14.22 -7.80
C PRO A 314 5.83 -14.73 -8.01
N ILE A 315 5.00 -14.71 -6.96
CA ILE A 315 3.64 -15.16 -7.16
C ILE A 315 2.73 -14.04 -7.66
N VAL A 316 3.26 -12.82 -7.76
CA VAL A 316 2.48 -11.73 -8.33
C VAL A 316 2.83 -11.65 -9.82
N LEU A 317 4.12 -11.68 -10.10
CA LEU A 317 4.62 -11.58 -11.48
C LEU A 317 4.73 -12.92 -12.21
N GLY A 318 5.10 -13.97 -11.47
CA GLY A 318 5.23 -15.29 -12.05
C GLY A 318 6.11 -15.41 -13.28
N SER A 319 5.50 -15.72 -14.42
CA SER A 319 6.24 -15.87 -15.67
C SER A 319 7.08 -14.64 -16.04
N GLU A 320 6.64 -13.46 -15.63
CA GLU A 320 7.37 -12.24 -15.96
C GLU A 320 8.41 -11.86 -14.90
N MET A 321 8.41 -12.57 -13.78
CA MET A 321 9.34 -12.25 -12.70
C MET A 321 10.77 -12.04 -13.20
N GLN A 322 11.36 -13.09 -13.78
CA GLN A 322 12.73 -13.03 -14.25
C GLN A 322 12.98 -12.04 -15.39
N LYS A 323 11.95 -11.74 -16.18
CA LYS A 323 12.13 -10.81 -17.28
C LYS A 323 12.54 -9.41 -16.80
N TRP A 324 11.99 -9.00 -15.65
CA TRP A 324 12.24 -7.65 -15.10
C TRP A 324 13.06 -7.64 -13.82
N ILE A 325 13.08 -8.75 -13.10
CA ILE A 325 13.82 -8.81 -11.86
C ILE A 325 14.77 -9.99 -11.85
N PRO A 326 15.86 -9.91 -12.64
CA PRO A 326 16.85 -11.00 -12.69
C PRO A 326 17.59 -10.96 -11.36
N PRO A 327 18.14 -12.10 -10.91
CA PRO A 327 18.83 -12.11 -9.63
C PRO A 327 19.78 -10.93 -9.40
N TYR A 328 19.93 -10.58 -8.12
CA TYR A 328 20.75 -9.46 -7.68
C TYR A 328 22.18 -9.47 -8.23
N GLN A 329 22.63 -8.27 -8.61
CA GLN A 329 23.97 -8.06 -9.16
C GLN A 329 24.67 -6.92 -8.41
N GLY A 330 24.04 -6.47 -7.32
CA GLY A 330 24.62 -5.40 -6.52
C GLY A 330 24.13 -3.97 -6.73
N TYR A 331 24.42 -3.11 -5.76
CA TYR A 331 23.97 -1.75 -5.79
C TYR A 331 24.48 -1.04 -7.03
N ASN A 332 23.60 -0.31 -7.69
CA ASN A 332 24.00 0.55 -8.79
C ASN A 332 23.55 1.98 -8.49
N ASN A 333 24.48 2.91 -8.52
CA ASN A 333 24.16 4.26 -8.09
C ASN A 333 23.52 5.08 -9.18
N SER A 334 23.42 4.49 -10.36
CA SER A 334 22.84 5.19 -11.49
C SER A 334 21.39 4.78 -11.71
N VAL A 335 20.86 4.02 -10.75
CA VAL A 335 19.48 3.57 -10.79
C VAL A 335 18.66 4.55 -9.94
N ASP A 336 17.54 5.01 -10.50
CA ASP A 336 16.63 5.94 -9.84
C ASP A 336 15.72 5.12 -8.94
N PRO A 337 15.88 5.22 -7.61
CA PRO A 337 15.00 4.42 -6.74
C PRO A 337 13.66 5.08 -6.40
N ARG A 338 13.47 6.33 -6.80
CA ARG A 338 12.21 7.01 -6.51
C ARG A 338 11.02 6.23 -7.07
N ILE A 339 9.93 6.23 -6.31
CA ILE A 339 8.74 5.58 -6.80
C ILE A 339 8.14 6.48 -7.87
N SER A 340 7.74 5.88 -8.98
CA SER A 340 7.15 6.65 -10.05
C SER A 340 5.69 6.87 -9.73
N ASN A 341 5.10 7.93 -10.30
CA ASN A 341 3.71 8.24 -10.05
C ASN A 341 2.76 7.11 -10.45
N VAL A 342 2.89 6.59 -11.67
CA VAL A 342 2.00 5.54 -12.18
C VAL A 342 2.09 4.24 -11.37
N PHE A 343 3.18 4.05 -10.64
CA PHE A 343 3.29 2.82 -9.86
C PHE A 343 2.27 2.91 -8.72
N THR A 344 2.06 4.11 -8.19
CA THR A 344 1.11 4.25 -7.09
C THR A 344 -0.32 3.90 -7.54
N PHE A 345 -0.49 3.73 -8.86
CA PHE A 345 -1.77 3.34 -9.45
C PHE A 345 -1.67 1.87 -9.93
N ALA A 346 -0.52 1.49 -10.45
CA ALA A 346 -0.37 0.13 -10.94
C ALA A 346 -0.57 -0.82 -9.79
N PHE A 347 -0.05 -0.42 -8.64
CA PHE A 347 -0.01 -1.25 -7.45
C PHE A 347 -1.37 -1.45 -6.80
N ARG A 348 -2.35 -0.72 -7.29
CA ARG A 348 -3.70 -0.74 -6.74
C ARG A 348 -4.47 -1.92 -7.31
N PHE A 349 -3.77 -2.82 -7.98
CA PHE A 349 -4.42 -4.00 -8.56
C PHE A 349 -4.94 -4.79 -7.37
N GLY A 350 -4.27 -4.57 -6.24
CA GLY A 350 -4.64 -5.22 -5.01
C GLY A 350 -6.07 -4.99 -4.61
N HIS A 351 -6.68 -3.91 -5.08
CA HIS A 351 -8.07 -3.63 -4.73
C HIS A 351 -9.04 -4.70 -5.24
N MET A 352 -8.60 -5.50 -6.20
CA MET A 352 -9.49 -6.51 -6.75
C MET A 352 -9.21 -7.85 -6.13
N GLU A 353 -8.36 -7.83 -5.11
CA GLU A 353 -8.01 -9.06 -4.41
C GLU A 353 -8.66 -9.01 -3.03
N VAL A 354 -9.34 -7.91 -2.73
CA VAL A 354 -10.01 -7.76 -1.45
C VAL A 354 -11.39 -8.40 -1.48
N PRO A 355 -11.65 -9.36 -0.57
CA PRO A 355 -12.93 -10.07 -0.47
C PRO A 355 -13.93 -9.36 0.49
N SER A 356 -15.21 -9.69 0.32
CA SER A 356 -16.30 -9.07 1.06
C SER A 356 -16.42 -9.35 2.56
N THR A 357 -15.69 -10.33 3.08
CA THR A 357 -15.78 -10.67 4.49
C THR A 357 -14.43 -11.02 5.14
N VAL A 358 -14.42 -10.99 6.47
CA VAL A 358 -13.25 -11.34 7.25
C VAL A 358 -13.73 -12.21 8.41
N SER A 359 -12.96 -13.25 8.74
CA SER A 359 -13.30 -14.17 9.81
C SER A 359 -12.28 -14.21 10.93
N ARG A 360 -12.71 -14.70 12.10
CA ARG A 360 -11.86 -14.89 13.27
C ARG A 360 -11.90 -16.40 13.51
N LEU A 361 -10.73 -17.03 13.64
CA LEU A 361 -10.71 -18.50 13.81
C LEU A 361 -10.13 -18.99 15.13
N ASP A 362 -10.76 -19.99 15.73
CA ASP A 362 -10.28 -20.55 16.99
C ASP A 362 -9.07 -21.42 16.75
N GLU A 363 -8.61 -22.07 17.81
CA GLU A 363 -7.41 -22.89 17.77
C GLU A 363 -7.43 -24.13 16.86
N ASN A 364 -8.60 -24.52 16.38
CA ASN A 364 -8.72 -25.65 15.45
C ASN A 364 -9.23 -25.02 14.16
N TYR A 365 -8.89 -23.73 14.01
CA TYR A 365 -9.27 -22.94 12.85
C TYR A 365 -10.76 -23.04 12.51
N GLN A 366 -11.60 -22.94 13.54
CA GLN A 366 -13.07 -23.01 13.38
C GLN A 366 -13.73 -21.68 13.76
N PRO A 367 -14.93 -21.44 13.29
CA PRO A 367 -15.45 -20.10 13.50
C PRO A 367 -15.30 -19.86 14.99
N TRP A 368 -14.61 -18.78 15.27
CA TRP A 368 -14.41 -18.24 16.61
C TRP A 368 -15.61 -17.39 17.00
N GLY A 369 -16.53 -17.96 17.75
CA GLY A 369 -17.69 -17.21 18.18
C GLY A 369 -18.83 -17.13 17.18
N PRO A 370 -19.96 -16.60 17.63
CA PRO A 370 -21.18 -16.53 16.81
C PRO A 370 -21.03 -15.70 15.53
N GLU A 371 -20.38 -14.55 15.59
CA GLU A 371 -20.18 -13.72 14.41
C GLU A 371 -18.70 -13.70 14.03
N ALA A 372 -18.13 -14.89 13.90
CA ALA A 372 -16.72 -15.00 13.54
C ALA A 372 -16.47 -14.33 12.20
N GLU A 373 -17.32 -14.61 11.21
CA GLU A 373 -17.19 -14.00 9.90
C GLU A 373 -17.92 -12.66 9.89
N LEU A 374 -17.24 -11.59 9.50
CA LEU A 374 -17.83 -10.26 9.48
C LEU A 374 -17.72 -9.56 8.12
N PRO A 375 -18.63 -8.62 7.82
CA PRO A 375 -18.58 -7.90 6.54
C PRO A 375 -17.43 -6.93 6.57
N LEU A 376 -16.66 -6.88 5.49
CA LEU A 376 -15.51 -5.98 5.43
C LEU A 376 -15.81 -4.53 5.82
N HIS A 377 -16.88 -3.95 5.30
CA HIS A 377 -17.15 -2.55 5.61
C HIS A 377 -17.33 -2.19 7.08
N THR A 378 -17.70 -3.15 7.93
CA THR A 378 -17.86 -2.84 9.35
C THR A 378 -16.49 -2.79 10.01
N LEU A 379 -15.47 -3.09 9.22
CA LEU A 379 -14.11 -3.12 9.73
C LEU A 379 -13.23 -1.94 9.34
N PHE A 380 -13.67 -1.07 8.43
CA PHE A 380 -12.85 0.08 8.07
C PHE A 380 -12.69 0.88 9.36
N PHE A 381 -11.45 1.23 9.70
CA PHE A 381 -11.19 2.00 10.92
C PHE A 381 -11.80 1.42 12.19
N ASN A 382 -12.03 0.11 12.18
CA ASN A 382 -12.60 -0.56 13.33
C ASN A 382 -11.43 -1.10 14.17
N THR A 383 -11.13 -0.42 15.27
CA THR A 383 -10.03 -0.83 16.14
C THR A 383 -10.55 -1.63 17.34
N TRP A 384 -11.78 -1.37 17.76
CA TRP A 384 -12.34 -2.07 18.91
C TRP A 384 -12.47 -3.58 18.75
N ARG A 385 -12.73 -4.05 17.53
CA ARG A 385 -12.88 -5.49 17.31
C ARG A 385 -11.60 -6.27 17.60
N ILE A 386 -10.48 -5.57 17.83
CA ILE A 386 -9.23 -6.26 18.17
C ILE A 386 -9.04 -6.25 19.69
N ILE A 387 -9.19 -5.07 20.27
CA ILE A 387 -9.02 -4.89 21.70
C ILE A 387 -10.19 -5.42 22.54
N LYS A 388 -11.41 -5.08 22.12
CA LYS A 388 -12.61 -5.51 22.82
C LYS A 388 -13.25 -6.78 22.26
N ASP A 389 -12.48 -7.57 21.52
CA ASP A 389 -12.99 -8.80 20.92
C ASP A 389 -11.95 -9.90 20.61
N GLY A 390 -11.03 -10.14 21.54
CA GLY A 390 -10.04 -11.20 21.41
C GLY A 390 -8.69 -10.99 20.74
N GLY A 391 -8.39 -9.78 20.29
CA GLY A 391 -7.06 -9.46 19.78
C GLY A 391 -6.71 -9.96 18.39
N ILE A 392 -5.42 -9.96 18.05
CA ILE A 392 -4.98 -10.37 16.72
C ILE A 392 -4.95 -11.87 16.41
N ASP A 393 -4.49 -12.67 17.37
CA ASP A 393 -4.37 -14.12 17.15
C ASP A 393 -5.44 -14.74 16.25
N PRO A 394 -6.74 -14.48 16.54
CA PRO A 394 -7.85 -15.03 15.74
C PRO A 394 -7.93 -14.47 14.31
N LEU A 395 -7.49 -13.22 14.13
CA LEU A 395 -7.54 -12.58 12.82
C LEU A 395 -6.36 -13.07 11.97
N VAL A 396 -5.24 -13.31 12.63
CA VAL A 396 -4.08 -13.81 11.92
C VAL A 396 -4.34 -15.25 11.49
N ARG A 397 -5.30 -15.92 12.13
CA ARG A 397 -5.64 -17.28 11.70
C ARG A 397 -6.46 -17.20 10.41
N GLY A 398 -7.37 -16.23 10.36
CA GLY A 398 -8.17 -16.07 9.15
C GLY A 398 -7.30 -15.71 7.95
N LEU A 399 -6.26 -14.92 8.18
CA LEU A 399 -5.32 -14.51 7.12
C LEU A 399 -4.61 -15.73 6.52
N LEU A 400 -4.42 -16.76 7.34
CA LEU A 400 -3.77 -17.97 6.88
C LEU A 400 -4.71 -18.97 6.21
N ALA A 401 -5.91 -19.13 6.77
CA ALA A 401 -6.89 -20.11 6.25
C ALA A 401 -7.97 -19.63 5.28
N LYS A 402 -8.06 -18.34 5.01
CA LYS A 402 -9.06 -17.89 4.06
C LYS A 402 -8.38 -17.54 2.75
N LYS A 403 -9.17 -17.21 1.74
CA LYS A 403 -8.61 -16.85 0.45
C LYS A 403 -8.80 -15.36 0.10
N SER A 404 -7.96 -14.87 -0.80
CA SER A 404 -8.09 -13.54 -1.38
C SER A 404 -9.08 -13.61 -2.53
N LYS A 405 -9.67 -12.48 -2.91
CA LYS A 405 -10.59 -12.50 -4.03
C LYS A 405 -9.72 -12.63 -5.28
N LEU A 406 -10.18 -13.40 -6.25
CA LEU A 406 -9.42 -13.52 -7.47
C LEU A 406 -9.85 -12.36 -8.34
N MET A 407 -8.97 -11.83 -9.17
CA MET A 407 -9.38 -10.75 -10.04
C MET A 407 -10.30 -11.43 -11.03
N ASN A 408 -11.38 -10.75 -11.39
CA ASN A 408 -12.33 -11.32 -12.32
C ASN A 408 -12.79 -10.22 -13.22
N GLN A 409 -12.74 -10.46 -14.53
CA GLN A 409 -13.13 -9.45 -15.50
C GLN A 409 -14.58 -9.03 -15.39
N ASP A 410 -15.41 -9.90 -14.81
CA ASP A 410 -16.83 -9.60 -14.63
C ASP A 410 -17.12 -9.25 -13.18
N LYS A 411 -16.15 -9.49 -12.32
CA LYS A 411 -16.29 -9.21 -10.89
C LYS A 411 -15.00 -8.59 -10.38
N MET A 412 -14.88 -7.28 -10.54
CA MET A 412 -13.66 -6.58 -10.16
C MET A 412 -13.49 -6.20 -8.70
N VAL A 413 -14.17 -5.13 -8.27
CA VAL A 413 -14.04 -4.64 -6.92
C VAL A 413 -15.33 -4.88 -6.16
N THR A 414 -15.21 -5.49 -4.97
CA THR A 414 -16.38 -5.82 -4.17
C THR A 414 -17.09 -4.58 -3.64
N SER A 415 -18.41 -4.67 -3.54
CA SER A 415 -19.19 -3.54 -3.08
C SER A 415 -18.77 -2.99 -1.71
N GLU A 416 -18.24 -3.86 -0.84
CA GLU A 416 -17.82 -3.40 0.47
C GLU A 416 -16.93 -2.18 0.26
N LEU A 417 -16.14 -2.24 -0.81
CA LEU A 417 -15.21 -1.18 -1.19
C LEU A 417 -15.79 -0.25 -2.28
N ARG A 418 -16.66 -0.79 -3.11
CA ARG A 418 -17.20 -0.02 -4.22
C ARG A 418 -18.41 0.86 -3.92
N ASN A 419 -19.13 0.59 -2.81
CA ASN A 419 -20.31 1.37 -2.44
C ASN A 419 -20.30 1.75 -0.98
N LYS A 420 -19.57 0.98 -0.18
CA LYS A 420 -19.57 1.19 1.26
C LYS A 420 -18.27 1.60 1.95
N LEU A 421 -17.33 2.20 1.24
CA LEU A 421 -16.08 2.62 1.89
C LEU A 421 -16.33 3.78 2.85
N PHE A 422 -15.61 3.79 3.97
CA PHE A 422 -15.73 4.89 4.92
C PHE A 422 -14.48 5.73 4.78
N GLN A 423 -14.66 7.05 4.66
CA GLN A 423 -13.54 7.98 4.55
C GLN A 423 -13.58 8.89 5.75
N PRO A 424 -12.46 9.00 6.49
CA PRO A 424 -12.41 9.86 7.68
C PRO A 424 -12.96 11.28 7.45
N THR A 425 -13.61 11.85 8.46
CA THR A 425 -14.07 13.24 8.37
C THR A 425 -15.32 13.35 7.52
N HIS A 426 -15.78 12.20 7.03
CA HIS A 426 -17.06 12.05 6.40
C HIS A 426 -17.83 11.08 7.24
N LYS A 427 -19.15 11.12 7.13
CA LYS A 427 -20.00 10.39 8.08
C LYS A 427 -20.49 9.00 7.70
N ILE A 428 -20.29 8.58 6.46
CA ILE A 428 -21.04 7.44 5.95
C ILE A 428 -20.21 6.30 5.37
N HIS A 429 -20.79 5.11 5.39
CA HIS A 429 -20.13 3.93 4.82
C HIS A 429 -20.76 3.86 3.44
N GLY A 430 -20.39 4.83 2.60
CA GLY A 430 -20.98 4.87 1.28
C GLY A 430 -20.12 5.51 0.20
N PHE A 431 -18.85 5.17 0.19
CA PHE A 431 -17.92 5.69 -0.80
C PHE A 431 -17.47 4.58 -1.73
N ASP A 432 -16.91 4.95 -2.88
CA ASP A 432 -16.46 3.98 -3.87
C ASP A 432 -14.97 4.08 -4.14
N LEU A 433 -14.22 3.03 -3.80
CA LEU A 433 -12.80 3.05 -4.04
C LEU A 433 -12.47 3.12 -5.52
N ALA A 434 -13.27 2.43 -6.34
CA ALA A 434 -13.05 2.44 -7.78
C ALA A 434 -13.14 3.86 -8.33
N ALA A 435 -14.26 4.53 -8.09
CA ALA A 435 -14.43 5.89 -8.56
C ALA A 435 -13.23 6.70 -8.12
N ILE A 436 -12.97 6.72 -6.82
CA ILE A 436 -11.81 7.45 -6.32
C ILE A 436 -10.61 7.16 -7.23
N ASN A 437 -10.14 5.91 -7.24
CA ASN A 437 -9.00 5.54 -8.08
C ASN A 437 -8.98 6.22 -9.44
N LEU A 438 -10.07 6.11 -10.17
CA LEU A 438 -10.13 6.72 -11.49
C LEU A 438 -9.93 8.22 -11.42
N GLN A 439 -10.65 8.86 -10.51
CA GLN A 439 -10.55 10.31 -10.35
C GLN A 439 -9.09 10.69 -10.01
N ARG A 440 -8.44 9.86 -9.20
CA ARG A 440 -7.05 10.11 -8.82
C ARG A 440 -6.14 10.08 -10.05
N CYS A 441 -6.35 9.12 -10.95
CA CYS A 441 -5.53 9.03 -12.17
C CYS A 441 -5.58 10.37 -12.85
N ARG A 442 -6.80 10.85 -13.05
CA ARG A 442 -7.00 12.12 -13.70
C ARG A 442 -6.32 13.22 -12.91
N ASP A 443 -6.45 13.18 -11.59
CA ASP A 443 -5.83 14.18 -10.73
C ASP A 443 -4.30 14.21 -10.84
N HIS A 444 -3.69 13.06 -11.08
CA HIS A 444 -2.23 13.02 -11.20
C HIS A 444 -1.78 13.30 -12.63
N GLY A 445 -2.73 13.57 -13.53
CA GLY A 445 -2.38 13.84 -14.91
C GLY A 445 -1.86 12.60 -15.63
N MET A 446 -2.29 11.44 -15.18
CA MET A 446 -1.84 10.19 -15.78
C MET A 446 -2.08 10.05 -17.28
N PRO A 447 -1.08 9.53 -18.01
CA PRO A 447 -1.22 9.32 -19.45
C PRO A 447 -2.18 8.15 -19.64
N GLY A 448 -2.84 8.10 -20.79
CA GLY A 448 -3.79 7.04 -21.08
C GLY A 448 -3.20 5.64 -21.17
N TYR A 449 -4.10 4.65 -21.26
CA TYR A 449 -3.76 3.24 -21.32
C TYR A 449 -2.77 2.89 -22.43
N ASN A 450 -2.90 3.51 -23.60
CA ASN A 450 -2.00 3.16 -24.69
C ASN A 450 -0.59 3.73 -24.58
N SER A 451 -0.46 4.89 -23.94
CA SER A 451 0.86 5.45 -23.77
C SER A 451 1.61 4.42 -22.94
N TRP A 452 0.94 3.87 -21.93
CA TRP A 452 1.59 2.88 -21.07
C TRP A 452 1.84 1.53 -21.75
N ARG A 453 0.99 1.21 -22.73
CA ARG A 453 1.19 -0.02 -23.48
C ARG A 453 2.43 0.26 -24.32
N GLY A 454 2.45 1.43 -24.95
CA GLY A 454 3.61 1.81 -25.74
C GLY A 454 4.88 1.82 -24.91
N PHE A 455 4.79 2.39 -23.72
CA PHE A 455 5.91 2.47 -22.80
C PHE A 455 6.50 1.12 -22.45
N CYS A 456 5.69 0.07 -22.57
CA CYS A 456 6.11 -1.28 -22.21
C CYS A 456 6.43 -2.21 -23.38
N GLY A 457 6.41 -1.67 -24.59
CA GLY A 457 6.74 -2.48 -25.75
C GLY A 457 5.66 -3.48 -26.08
N LEU A 458 4.41 -3.09 -25.84
CA LEU A 458 3.28 -3.94 -26.15
C LEU A 458 2.46 -3.18 -27.19
N SER A 459 1.56 -3.89 -27.88
CA SER A 459 0.74 -3.29 -28.91
C SER A 459 -0.21 -2.21 -28.38
N GLN A 460 -0.71 -1.36 -29.27
CA GLN A 460 -1.62 -0.29 -28.89
C GLN A 460 -2.93 -0.30 -29.66
N PRO A 461 -3.91 -1.04 -29.14
CA PRO A 461 -5.19 -1.24 -29.83
C PRO A 461 -5.94 0.06 -30.04
N LYS A 462 -6.58 0.17 -31.20
CA LYS A 462 -7.26 1.39 -31.61
C LYS A 462 -8.75 1.18 -31.88
N THR A 463 -9.15 -0.08 -31.98
CA THR A 463 -10.55 -0.41 -32.25
C THR A 463 -11.13 -1.44 -31.30
N LEU A 464 -12.45 -1.57 -31.34
CA LEU A 464 -13.14 -2.53 -30.50
C LEU A 464 -12.44 -3.87 -30.68
N LYS A 465 -12.44 -4.36 -31.91
CA LYS A 465 -11.82 -5.65 -32.20
C LYS A 465 -10.40 -5.72 -31.68
N GLY A 466 -9.68 -4.59 -31.77
CA GLY A 466 -8.32 -4.59 -31.28
C GLY A 466 -8.29 -4.85 -29.79
N LEU A 467 -9.12 -4.10 -29.07
CA LEU A 467 -9.21 -4.23 -27.62
C LEU A 467 -9.66 -5.61 -27.17
N GLN A 468 -10.59 -6.21 -27.90
CA GLN A 468 -11.09 -7.54 -27.55
C GLN A 468 -9.98 -8.59 -27.58
N THR A 469 -9.10 -8.51 -28.55
CA THR A 469 -8.02 -9.45 -28.68
C THR A 469 -7.00 -9.29 -27.56
N VAL A 470 -6.88 -8.07 -27.04
CA VAL A 470 -5.93 -7.82 -25.94
C VAL A 470 -6.52 -8.25 -24.60
N LEU A 471 -7.79 -7.94 -24.37
CA LEU A 471 -8.43 -8.30 -23.12
C LEU A 471 -8.94 -9.72 -23.15
N LYS A 472 -9.06 -10.27 -24.35
CA LYS A 472 -9.58 -11.63 -24.48
C LYS A 472 -10.97 -11.60 -23.86
N ASN A 473 -11.75 -10.62 -24.28
CA ASN A 473 -13.10 -10.47 -23.74
C ASN A 473 -13.91 -9.52 -24.62
N LYS A 474 -15.01 -10.03 -25.18
CA LYS A 474 -15.86 -9.22 -26.04
C LYS A 474 -16.67 -8.18 -25.29
N ILE A 475 -17.40 -8.60 -24.27
CA ILE A 475 -18.24 -7.64 -23.56
C ILE A 475 -17.48 -6.61 -22.71
N LEU A 476 -16.29 -6.96 -22.21
CA LEU A 476 -15.51 -6.00 -21.44
C LEU A 476 -15.01 -4.93 -22.41
N ALA A 477 -14.52 -5.39 -23.55
CA ALA A 477 -14.02 -4.49 -24.58
C ALA A 477 -15.14 -3.57 -25.05
N LYS A 478 -16.32 -4.15 -25.24
CA LYS A 478 -17.49 -3.41 -25.71
C LYS A 478 -17.92 -2.30 -24.75
N LYS A 479 -17.86 -2.60 -23.45
CA LYS A 479 -18.23 -1.66 -22.38
C LYS A 479 -17.23 -0.53 -22.26
N LEU A 480 -15.94 -0.87 -22.29
CA LEU A 480 -14.90 0.15 -22.22
C LEU A 480 -14.98 1.04 -23.44
N MET A 481 -15.11 0.44 -24.62
CA MET A 481 -15.23 1.22 -25.84
C MET A 481 -16.44 2.16 -25.85
N ASP A 482 -17.53 1.73 -25.24
CA ASP A 482 -18.68 2.57 -25.13
C ASP A 482 -18.48 3.78 -24.22
N LEU A 483 -17.97 3.56 -23.01
CA LEU A 483 -17.65 4.66 -22.12
C LEU A 483 -16.50 5.54 -22.58
N TYR A 484 -15.38 4.90 -22.85
CA TYR A 484 -14.24 5.57 -23.42
C TYR A 484 -14.45 5.34 -24.88
N LYS A 485 -14.35 6.36 -25.70
CA LYS A 485 -14.65 6.15 -27.09
C LYS A 485 -13.41 5.68 -27.81
N THR A 486 -12.31 5.59 -27.08
CA THR A 486 -11.05 5.11 -27.64
C THR A 486 -10.14 4.62 -26.53
N PRO A 487 -9.41 3.53 -26.77
CA PRO A 487 -8.51 2.99 -25.76
C PRO A 487 -7.54 4.06 -25.24
N ASP A 488 -7.04 4.89 -26.15
CA ASP A 488 -6.11 5.95 -25.79
C ASP A 488 -6.54 6.73 -24.57
N ASN A 489 -7.84 6.74 -24.28
CA ASN A 489 -8.43 7.47 -23.14
C ASN A 489 -8.71 6.65 -21.88
N ILE A 490 -8.62 5.33 -21.98
CA ILE A 490 -8.88 4.48 -20.84
C ILE A 490 -7.87 4.76 -19.75
N ASP A 491 -8.37 5.15 -18.59
CA ASP A 491 -7.53 5.45 -17.43
C ASP A 491 -6.67 4.22 -17.11
N ILE A 492 -5.36 4.44 -16.99
CA ILE A 492 -4.44 3.35 -16.70
C ILE A 492 -4.97 2.34 -15.69
N TRP A 493 -5.47 2.81 -14.54
CA TRP A 493 -5.96 1.89 -13.51
C TRP A 493 -6.94 0.84 -14.00
N ILE A 494 -8.03 1.26 -14.60
CA ILE A 494 -9.01 0.29 -15.08
C ILE A 494 -8.43 -0.44 -16.30
N GLY A 495 -7.54 0.24 -17.01
CA GLY A 495 -6.92 -0.35 -18.18
C GLY A 495 -6.03 -1.53 -17.84
N GLY A 496 -4.98 -1.29 -17.07
CA GLY A 496 -4.07 -2.35 -16.72
C GLY A 496 -4.75 -3.54 -16.07
N ASN A 497 -5.74 -3.29 -15.23
CA ASN A 497 -6.44 -4.35 -14.54
C ASN A 497 -7.42 -5.16 -15.38
N ALA A 498 -7.77 -4.64 -16.57
CA ALA A 498 -8.68 -5.37 -17.44
C ALA A 498 -7.97 -6.49 -18.18
N GLU A 499 -6.64 -6.40 -18.31
CA GLU A 499 -5.88 -7.44 -19.01
C GLU A 499 -5.91 -8.77 -18.26
N PRO A 500 -6.02 -9.90 -18.99
CA PRO A 500 -6.06 -11.19 -18.31
C PRO A 500 -4.75 -11.48 -17.57
N MET A 501 -4.77 -12.42 -16.63
CA MET A 501 -3.57 -12.75 -15.88
C MET A 501 -2.52 -13.54 -16.66
N VAL A 502 -1.29 -13.08 -16.54
CA VAL A 502 -0.15 -13.77 -17.11
C VAL A 502 -0.04 -15.09 -16.41
N GLU A 503 0.38 -16.11 -17.14
CA GLU A 503 0.39 -17.44 -16.55
C GLU A 503 1.29 -17.43 -15.34
N ARG A 504 0.76 -17.97 -14.27
CA ARG A 504 1.47 -18.22 -13.03
C ARG A 504 1.63 -16.94 -12.24
N GLY A 505 1.06 -15.85 -12.73
CA GLY A 505 1.07 -14.62 -11.95
C GLY A 505 -0.33 -14.23 -11.50
N ARG A 506 -0.51 -12.99 -11.08
CA ARG A 506 -1.80 -12.49 -10.66
C ARG A 506 -2.09 -11.09 -11.22
N VAL A 507 -1.33 -10.71 -12.25
CA VAL A 507 -1.49 -9.44 -12.97
C VAL A 507 -1.24 -9.69 -14.44
N GLY A 508 -1.63 -8.73 -15.27
CA GLY A 508 -1.43 -8.91 -16.70
C GLY A 508 -0.06 -8.48 -17.18
N PRO A 509 0.14 -8.37 -18.50
CA PRO A 509 1.41 -7.96 -19.10
C PRO A 509 1.79 -6.53 -18.76
N LEU A 510 0.85 -5.61 -18.94
CA LEU A 510 1.12 -4.21 -18.67
C LEU A 510 1.49 -3.94 -17.21
N LEU A 511 0.76 -4.50 -16.26
CA LEU A 511 1.12 -4.23 -14.88
C LEU A 511 2.39 -5.00 -14.49
N ALA A 512 2.61 -6.17 -15.08
CA ALA A 512 3.80 -6.94 -14.77
C ALA A 512 5.01 -6.12 -15.18
N CYS A 513 4.87 -5.41 -16.29
CA CYS A 513 5.92 -4.55 -16.81
C CYS A 513 6.16 -3.33 -15.90
N LEU A 514 5.11 -2.56 -15.64
CA LEU A 514 5.20 -1.38 -14.79
C LEU A 514 5.63 -1.73 -13.35
N LEU A 515 5.00 -2.75 -12.76
CA LEU A 515 5.37 -3.16 -11.40
C LEU A 515 6.78 -3.69 -11.39
N GLY A 516 7.06 -4.64 -12.28
CA GLY A 516 8.37 -5.27 -12.34
C GLY A 516 9.54 -4.28 -12.40
N ARG A 517 9.39 -3.30 -13.25
CA ARG A 517 10.40 -2.28 -13.46
C ARG A 517 10.66 -1.45 -12.21
N GLN A 518 9.61 -1.04 -11.53
CA GLN A 518 9.73 -0.28 -10.27
C GLN A 518 10.42 -1.03 -9.16
N PHE A 519 10.04 -2.29 -8.99
CA PHE A 519 10.61 -3.12 -7.93
C PHE A 519 12.09 -3.41 -8.18
N GLN A 520 12.44 -3.56 -9.45
CA GLN A 520 13.82 -3.81 -9.82
C GLN A 520 14.65 -2.56 -9.46
N GLN A 521 14.11 -1.38 -9.74
CA GLN A 521 14.81 -0.15 -9.41
C GLN A 521 14.88 -0.06 -7.89
N ILE A 522 13.81 -0.47 -7.22
CA ILE A 522 13.75 -0.36 -5.78
C ILE A 522 14.87 -1.17 -5.13
N ARG A 523 15.14 -2.35 -5.68
CA ARG A 523 16.23 -3.18 -5.17
C ARG A 523 17.62 -2.70 -5.59
N ASP A 524 17.82 -2.58 -6.90
CA ASP A 524 19.12 -2.19 -7.46
C ASP A 524 19.66 -0.82 -7.08
N GLY A 525 18.80 0.17 -6.91
CA GLY A 525 19.28 1.50 -6.55
C GLY A 525 19.20 1.79 -5.07
N ASP A 526 19.37 0.77 -4.24
CA ASP A 526 19.29 0.93 -2.78
C ASP A 526 20.62 0.56 -2.08
N ARG A 527 21.38 1.58 -1.68
CA ARG A 527 22.67 1.38 -1.04
C ARG A 527 22.63 0.49 0.19
N PHE A 528 21.44 0.29 0.74
CA PHE A 528 21.26 -0.53 1.93
C PHE A 528 20.57 -1.88 1.73
N TRP A 529 20.40 -2.32 0.50
CA TRP A 529 19.69 -3.58 0.27
C TRP A 529 20.40 -4.64 1.10
N TRP A 530 19.64 -5.40 1.87
CA TRP A 530 20.20 -6.42 2.74
C TRP A 530 21.28 -7.34 2.13
N GLU A 531 21.22 -7.56 0.82
CA GLU A 531 22.15 -8.45 0.14
C GLU A 531 23.31 -7.71 -0.51
N ASN A 532 23.19 -6.38 -0.59
CA ASN A 532 24.27 -5.56 -1.14
C ASN A 532 25.47 -5.82 -0.24
N PRO A 533 26.60 -6.25 -0.81
CA PRO A 533 27.80 -6.55 -0.04
C PRO A 533 28.19 -5.48 1.00
N GLY A 534 28.58 -5.93 2.18
CA GLY A 534 29.02 -5.02 3.20
C GLY A 534 27.98 -4.40 4.11
N VAL A 535 26.70 -4.67 3.84
CA VAL A 535 25.64 -4.13 4.68
C VAL A 535 25.45 -5.07 5.86
N PHE A 536 25.42 -6.36 5.57
CA PHE A 536 25.32 -7.38 6.61
C PHE A 536 26.56 -8.23 6.47
N THR A 537 26.90 -8.99 7.51
CA THR A 537 28.07 -9.86 7.44
C THR A 537 27.66 -11.13 6.73
N GLU A 538 28.63 -11.75 6.06
CA GLU A 538 28.41 -13.00 5.32
C GLU A 538 27.57 -13.98 6.14
N LYS A 539 27.85 -14.04 7.43
CA LYS A 539 27.14 -14.94 8.32
C LYS A 539 25.71 -14.47 8.59
N GLN A 540 25.55 -13.16 8.74
CA GLN A 540 24.25 -12.55 9.00
C GLN A 540 23.28 -12.81 7.86
N ARG A 541 23.78 -12.73 6.64
CA ARG A 541 22.98 -12.97 5.45
C ARG A 541 22.46 -14.38 5.39
N ASP A 542 23.29 -15.33 5.78
CA ASP A 542 22.90 -16.74 5.86
C ASP A 542 21.81 -16.92 6.90
N SER A 543 21.92 -16.16 7.98
CA SER A 543 20.95 -16.19 9.05
C SER A 543 19.60 -15.65 8.54
N LEU A 544 19.66 -14.52 7.86
CA LEU A 544 18.47 -13.87 7.31
C LEU A 544 17.79 -14.71 6.23
N GLN A 545 18.59 -15.49 5.50
CA GLN A 545 18.07 -16.31 4.41
C GLN A 545 16.97 -17.28 4.83
N LYS A 546 16.82 -17.51 6.13
CA LYS A 546 15.83 -18.44 6.65
C LYS A 546 14.49 -17.84 7.15
N VAL A 547 14.36 -16.51 7.10
CA VAL A 547 13.13 -15.87 7.56
C VAL A 547 11.88 -16.40 6.86
N SER A 548 10.73 -16.21 7.49
CA SER A 548 9.46 -16.67 6.94
C SER A 548 8.30 -16.00 7.68
N PHE A 549 7.19 -15.75 6.99
CA PHE A 549 6.07 -15.12 7.68
C PHE A 549 5.59 -16.09 8.75
N SER A 550 5.63 -17.38 8.43
CA SER A 550 5.24 -18.40 9.39
C SER A 550 5.99 -18.11 10.69
N ARG A 551 7.31 -18.01 10.57
CA ARG A 551 8.16 -17.75 11.72
C ARG A 551 7.74 -16.45 12.41
N LEU A 552 7.53 -15.39 11.64
CA LEU A 552 7.08 -14.11 12.23
C LEU A 552 5.81 -14.33 13.05
N ILE A 553 4.92 -15.21 12.57
CA ILE A 553 3.68 -15.48 13.31
C ILE A 553 3.98 -16.21 14.61
N CYS A 554 4.67 -17.34 14.51
CA CYS A 554 5.02 -18.13 15.68
C CYS A 554 5.68 -17.30 16.79
N ASP A 555 6.59 -16.40 16.41
CA ASP A 555 7.31 -15.57 17.37
C ASP A 555 6.51 -14.43 17.97
N ASN A 556 5.40 -14.05 17.35
CA ASN A 556 4.65 -12.91 17.85
C ASN A 556 3.15 -13.08 18.05
N THR A 557 2.75 -14.30 18.37
CA THR A 557 1.35 -14.62 18.67
C THR A 557 1.43 -15.94 19.41
N HIS A 558 0.29 -16.51 19.77
CA HIS A 558 0.32 -17.79 20.44
C HIS A 558 -0.31 -18.81 19.51
N ILE A 559 -0.06 -18.61 18.22
CA ILE A 559 -0.51 -19.50 17.17
C ILE A 559 0.64 -20.45 16.97
N THR A 560 0.40 -21.73 17.15
CA THR A 560 1.47 -22.71 17.03
C THR A 560 1.26 -23.69 15.87
N LYS A 561 0.35 -23.34 14.99
CA LYS A 561 0.05 -24.18 13.83
C LYS A 561 -0.01 -23.33 12.58
N VAL A 562 1.07 -23.32 11.82
CA VAL A 562 1.14 -22.52 10.61
C VAL A 562 1.52 -23.33 9.38
N PRO A 563 1.29 -22.78 8.19
CA PRO A 563 1.67 -23.51 6.99
C PRO A 563 3.16 -23.24 6.77
N LEU A 564 3.70 -23.65 5.64
CA LEU A 564 5.11 -23.41 5.35
C LEU A 564 5.23 -22.31 4.31
N HIS A 565 4.24 -22.28 3.42
CA HIS A 565 4.18 -21.31 2.33
C HIS A 565 2.93 -20.47 2.57
N ALA A 566 3.09 -19.50 3.47
CA ALA A 566 2.00 -18.61 3.90
C ALA A 566 1.17 -17.91 2.82
N PHE A 567 1.72 -17.67 1.65
CA PHE A 567 0.93 -16.96 0.65
C PHE A 567 0.00 -17.80 -0.21
N GLN A 568 0.15 -19.12 -0.17
CA GLN A 568 -0.71 -19.98 -0.98
C GLN A 568 -1.90 -20.49 -0.17
N ALA A 569 -2.95 -20.95 -0.85
CA ALA A 569 -4.09 -21.48 -0.14
C ALA A 569 -3.63 -22.69 0.68
N ASN A 570 -3.94 -22.68 1.97
CA ASN A 570 -3.55 -23.76 2.87
C ASN A 570 -4.70 -24.08 3.82
N ASN A 571 -5.16 -25.33 3.80
CA ASN A 571 -6.25 -25.74 4.70
C ASN A 571 -5.72 -26.47 5.92
N TYR A 572 -6.50 -26.42 7.00
CA TYR A 572 -6.16 -27.05 8.27
C TYR A 572 -6.91 -28.37 8.44
N PRO A 573 -6.23 -29.38 9.02
CA PRO A 573 -4.84 -29.28 9.45
C PRO A 573 -3.81 -29.83 8.48
N HIS A 574 -4.27 -30.33 7.34
CA HIS A 574 -3.36 -30.92 6.37
C HIS A 574 -2.11 -30.08 6.06
N ASP A 575 -2.29 -28.86 5.55
CA ASP A 575 -1.15 -28.01 5.20
C ASP A 575 -0.56 -27.27 6.39
N PHE A 576 -0.97 -27.65 7.60
CA PHE A 576 -0.46 -26.98 8.80
C PHE A 576 0.46 -27.83 9.68
N VAL A 577 1.73 -27.41 9.76
CA VAL A 577 2.70 -28.11 10.60
C VAL A 577 2.86 -27.33 11.90
N ASP A 578 3.52 -27.96 12.88
CA ASP A 578 3.76 -27.31 14.17
C ASP A 578 4.90 -26.31 14.02
N CYS A 579 4.88 -25.25 14.83
CA CYS A 579 5.91 -24.21 14.74
C CYS A 579 7.32 -24.73 14.96
N SER A 580 7.46 -25.81 15.73
CA SER A 580 8.78 -26.37 16.02
C SER A 580 9.57 -26.70 14.77
N THR A 581 8.90 -27.24 13.76
CA THR A 581 9.56 -27.64 12.53
C THR A 581 9.86 -26.49 11.54
N VAL A 582 9.67 -25.25 11.99
CA VAL A 582 9.92 -24.08 11.14
C VAL A 582 11.21 -23.35 11.54
N ASP A 583 12.09 -23.14 10.57
CA ASP A 583 13.36 -22.45 10.85
C ASP A 583 13.15 -21.20 11.70
N LYS A 584 14.16 -20.83 12.46
CA LYS A 584 14.09 -19.63 13.28
C LYS A 584 15.06 -18.61 12.73
N LEU A 585 14.98 -17.39 13.25
CA LEU A 585 15.90 -16.35 12.87
C LEU A 585 16.92 -16.33 14.01
N ASP A 586 17.91 -17.21 13.89
CA ASP A 586 18.98 -17.31 14.87
C ASP A 586 19.79 -16.02 14.76
N LEU A 587 19.85 -15.23 15.83
CA LEU A 587 20.57 -13.95 15.80
C LEU A 587 22.00 -13.96 16.37
N SER A 588 22.63 -15.11 16.39
CA SER A 588 23.97 -15.26 16.97
C SER A 588 25.00 -14.42 16.24
N PRO A 589 24.81 -14.22 14.95
CA PRO A 589 25.78 -13.56 14.10
C PRO A 589 25.97 -12.09 14.46
N TRP A 590 25.13 -11.58 15.35
CA TRP A 590 25.21 -10.20 15.81
C TRP A 590 26.03 -9.91 17.04
N ALA A 591 26.71 -10.90 17.62
CA ALA A 591 27.48 -10.68 18.84
C ALA A 591 28.61 -9.71 18.51
N SER A 592 29.02 -8.90 19.47
CA SER A 592 30.08 -7.93 19.21
C SER A 592 31.13 -7.86 20.31
N ARG A 593 32.24 -8.59 20.14
CA ARG A 593 33.28 -8.56 21.15
C ARG A 593 33.87 -7.15 21.17
N GLU A 594 33.84 -6.52 22.34
CA GLU A 594 34.42 -5.19 22.54
C GLU A 594 35.95 -5.16 22.40
N ASN A 595 36.59 -6.16 22.96
CA ASN A 595 38.05 -6.30 22.93
C ASN A 595 38.65 -6.39 21.52
#